data_6VHR
#
_entry.id   6VHR
#
_cell.length_a   219.090
_cell.length_b   219.090
_cell.length_c   104.430
_cell.angle_alpha   90.000
_cell.angle_beta   90.000
_cell.angle_gamma   90.000
#
_symmetry.space_group_name_H-M   'I 4 2 2'
#
loop_
_entity.id
_entity.type
_entity.pdbx_description
1 polymer 'PE family immunomodulator PE5'
2 polymer 'PPE family protein PPE4'
3 polymer 'ESX-3 secretion-associated protein EspG3'
#
loop_
_entity_poly.entity_id
_entity_poly.type
_entity_poly.pdbx_seq_one_letter_code
_entity_poly.pdbx_strand_id
1 'polypeptide(L)'
;GAMVPEGLAAASAAVEALTARLAAAHASAAPVITAVVPPAADPVSLQTAAGFSAQGVEHAVVTAEGVEELGRAGVGVGES
GASYLAGDAAAAATYGVVGG
;
A
2 'polypeptide(L)'
;MAAPIWMASPPEVHSALLSNGPGPGSLVAAATAWSQLSAEYASTAAELSGLLGAVPGWAWQGPSAEWYVAAHLPYVAWLT
QASADAAGAAAQHEAAAAAYTTALAAMPTLAELAANHVIHTVLVATNFFGINTIPITLNEADYVRMWLQAAAVMGLYQAA
SGAALASAPRTVPAPTVM
;
B
3 'polypeptide(L)'
;MAPNAVELTVENAWFIAEMVGAGTFPWVLAITTPYSDEAQRSAFFARQRDELTQLGLLSSDGVVNPAVAEWIKVVCFPER
WLDLRYVGPGTGNGGEDLLRGIVAQSAGIMGKAGKAHPSFNTVVALRNAQLVTFTAMDIDDPRALVPVLGVGLSARPPAR
FEEFSMPMRVGARADERLRSGESLDEVLDYLGIPVSARPVVQAVFSGPRSYVEIVAGCNRDGEHTTTDVGLSIVDTTAGR
VLVSPSRAFDGEWVSTFSAGTPFATAVAIDQLIANLPDGQWFPGQRLS
;
C
#
# COMPACT_ATOMS: atom_id res chain seq x y z
N VAL A 4 -50.44 -23.80 42.48
CA VAL A 4 -50.66 -22.53 41.79
C VAL A 4 -51.83 -21.79 42.43
N PRO A 5 -51.73 -20.44 42.54
CA PRO A 5 -52.83 -19.68 43.15
C PRO A 5 -54.10 -19.66 42.32
N GLU A 6 -55.08 -18.89 42.78
CA GLU A 6 -56.40 -18.86 42.12
C GLU A 6 -56.40 -17.92 40.92
N GLY A 7 -56.37 -16.61 41.18
CA GLY A 7 -56.45 -15.63 40.12
C GLY A 7 -55.17 -15.40 39.35
N LEU A 8 -54.04 -15.88 39.85
CA LEU A 8 -52.75 -15.70 39.20
C LEU A 8 -52.52 -16.68 38.05
N ALA A 9 -53.46 -17.58 37.78
CA ALA A 9 -53.26 -18.53 36.69
C ALA A 9 -53.10 -17.80 35.35
N ALA A 10 -53.93 -16.79 35.09
CA ALA A 10 -53.79 -16.03 33.86
C ALA A 10 -52.43 -15.33 33.81
N ALA A 11 -51.96 -14.81 34.95
CA ALA A 11 -50.66 -14.16 34.99
C ALA A 11 -49.54 -15.19 34.84
N SER A 12 -49.72 -16.39 35.38
CA SER A 12 -48.70 -17.43 35.25
C SER A 12 -48.55 -17.85 33.79
N ALA A 13 -49.67 -18.07 33.10
CA ALA A 13 -49.60 -18.48 31.70
C ALA A 13 -48.96 -17.40 30.84
N ALA A 14 -49.05 -16.12 31.26
CA ALA A 14 -48.50 -15.04 30.47
C ALA A 14 -46.97 -15.04 30.49
N VAL A 15 -46.38 -15.09 31.69
CA VAL A 15 -44.92 -15.10 31.79
C VAL A 15 -44.35 -16.34 31.10
N GLU A 16 -45.12 -17.44 31.06
CA GLU A 16 -44.67 -18.61 30.31
C GLU A 16 -44.62 -18.32 28.81
N ALA A 17 -45.61 -17.58 28.30
CA ALA A 17 -45.59 -17.18 26.90
C ALA A 17 -44.49 -16.17 26.61
N LEU A 18 -44.02 -15.43 27.62
CA LEU A 18 -42.94 -14.49 27.41
C LEU A 18 -41.60 -15.21 27.32
N THR A 19 -41.28 -16.06 28.29
CA THR A 19 -40.05 -16.84 28.22
C THR A 19 -40.04 -17.74 26.99
N ALA A 20 -41.21 -18.22 26.57
CA ALA A 20 -41.27 -19.04 25.36
C ALA A 20 -41.01 -18.20 24.12
N ARG A 21 -41.57 -16.98 24.08
CA ARG A 21 -41.34 -16.10 22.93
C ARG A 21 -39.87 -15.71 22.82
N LEU A 22 -39.21 -15.49 23.96
CA LEU A 22 -37.79 -15.14 23.93
C LEU A 22 -36.96 -16.31 23.42
N ALA A 23 -37.00 -17.44 24.14
CA ALA A 23 -36.19 -18.59 23.77
C ALA A 23 -36.39 -18.97 22.30
N ALA A 24 -37.60 -18.80 21.77
CA ALA A 24 -37.85 -19.09 20.36
C ALA A 24 -36.98 -18.20 19.47
N ALA A 25 -37.10 -16.89 19.63
CA ALA A 25 -36.30 -15.96 18.86
C ALA A 25 -34.87 -15.88 19.35
N HIS A 26 -34.60 -16.35 20.57
CA HIS A 26 -33.23 -16.37 21.08
C HIS A 26 -32.42 -17.49 20.46
N ALA A 27 -33.03 -18.67 20.29
CA ALA A 27 -32.34 -19.80 19.66
C ALA A 27 -32.40 -19.72 18.14
N SER A 28 -33.40 -19.04 17.58
CA SER A 28 -33.46 -18.89 16.13
C SER A 28 -32.27 -18.10 15.61
N ALA A 29 -31.87 -17.06 16.33
CA ALA A 29 -30.76 -16.20 15.94
C ALA A 29 -29.46 -16.56 16.66
N ALA A 30 -29.46 -17.60 17.50
CA ALA A 30 -28.25 -17.95 18.22
C ALA A 30 -27.18 -18.56 17.32
N PRO A 31 -27.49 -19.53 16.44
CA PRO A 31 -26.42 -20.17 15.66
C PRO A 31 -25.82 -19.30 14.57
N VAL A 32 -26.33 -18.08 14.36
CA VAL A 32 -25.82 -17.20 13.33
C VAL A 32 -25.05 -16.02 13.88
N ILE A 33 -25.35 -15.57 15.10
CA ILE A 33 -24.59 -14.48 15.69
C ILE A 33 -23.27 -15.00 16.28
N THR A 34 -23.23 -16.27 16.66
CA THR A 34 -22.03 -16.87 17.24
C THR A 34 -21.12 -17.48 16.20
N ALA A 35 -21.65 -17.86 15.04
CA ALA A 35 -20.87 -18.48 13.97
C ALA A 35 -20.81 -17.52 12.78
N VAL A 36 -19.94 -16.51 12.89
CA VAL A 36 -19.69 -15.55 11.83
C VAL A 36 -18.27 -15.77 11.32
N VAL A 37 -18.14 -15.95 10.01
CA VAL A 37 -16.84 -16.29 9.41
C VAL A 37 -16.21 -15.02 8.87
N PRO A 38 -14.87 -14.89 8.91
CA PRO A 38 -14.22 -13.70 8.35
C PRO A 38 -14.46 -13.61 6.86
N PRO A 39 -14.83 -12.44 6.35
CA PRO A 39 -15.07 -12.32 4.89
C PRO A 39 -13.83 -12.59 4.05
N ALA A 40 -12.65 -12.68 4.65
CA ALA A 40 -11.42 -12.91 3.91
C ALA A 40 -10.42 -13.60 4.83
N ALA A 41 -9.21 -13.81 4.31
CA ALA A 41 -8.16 -14.48 5.08
C ALA A 41 -7.24 -13.52 5.81
N ASP A 42 -7.24 -12.23 5.42
CA ASP A 42 -6.33 -11.25 6.01
C ASP A 42 -6.48 -11.24 7.51
N PRO A 43 -5.43 -10.84 8.25
CA PRO A 43 -5.49 -10.95 9.72
C PRO A 43 -6.52 -10.03 10.36
N VAL A 44 -6.96 -8.97 9.68
CA VAL A 44 -7.96 -8.09 10.25
C VAL A 44 -9.31 -8.77 10.29
N SER A 45 -9.73 -9.33 9.15
CA SER A 45 -11.01 -10.05 9.11
C SER A 45 -11.02 -11.19 10.11
N LEU A 46 -9.88 -11.87 10.26
CA LEU A 46 -9.81 -12.98 11.21
C LEU A 46 -9.98 -12.49 12.64
N GLN A 47 -9.43 -11.31 12.95
CA GLN A 47 -9.48 -10.81 14.31
C GLN A 47 -10.87 -10.28 14.67
N THR A 48 -11.56 -9.67 13.72
CA THR A 48 -12.89 -9.13 14.00
C THR A 48 -13.96 -10.22 13.97
N ALA A 49 -13.81 -11.21 13.09
CA ALA A 49 -14.77 -12.31 13.07
C ALA A 49 -14.66 -13.16 14.34
N ALA A 50 -13.47 -13.24 14.93
CA ALA A 50 -13.34 -13.91 16.21
C ALA A 50 -13.99 -13.10 17.32
N GLY A 51 -13.79 -11.78 17.31
CA GLY A 51 -14.38 -10.95 18.34
C GLY A 51 -15.89 -10.91 18.27
N PHE A 52 -16.44 -10.84 17.05
CA PHE A 52 -17.90 -10.83 16.91
C PHE A 52 -18.50 -12.16 17.36
N SER A 53 -17.76 -13.26 17.23
CA SER A 53 -18.20 -14.53 17.79
C SER A 53 -18.00 -14.58 19.28
N ALA A 54 -16.96 -13.93 19.79
CA ALA A 54 -16.70 -13.89 21.23
C ALA A 54 -17.83 -13.17 21.95
N GLN A 55 -18.07 -11.91 21.59
CA GLN A 55 -19.16 -11.17 22.21
C GLN A 55 -20.53 -11.67 21.77
N GLY A 56 -20.58 -12.62 20.83
CA GLY A 56 -21.84 -13.23 20.44
C GLY A 56 -22.21 -14.38 21.35
N VAL A 57 -21.22 -15.20 21.72
CA VAL A 57 -21.49 -16.33 22.60
C VAL A 57 -21.73 -15.86 24.03
N GLU A 58 -20.97 -14.85 24.47
CA GLU A 58 -21.15 -14.33 25.82
C GLU A 58 -22.55 -13.74 25.98
N HIS A 59 -23.03 -13.02 24.96
CA HIS A 59 -24.38 -12.47 25.03
C HIS A 59 -25.43 -13.57 24.96
N ALA A 60 -25.13 -14.69 24.31
CA ALA A 60 -26.11 -15.76 24.16
C ALA A 60 -26.25 -16.61 25.41
N VAL A 61 -25.33 -16.53 26.37
CA VAL A 61 -25.42 -17.27 27.60
C VAL A 61 -25.85 -16.41 28.76
N VAL A 62 -25.48 -15.14 28.76
CA VAL A 62 -25.94 -14.23 29.79
C VAL A 62 -27.44 -14.02 29.65
N THR A 63 -27.91 -13.78 28.43
CA THR A 63 -29.35 -13.69 28.19
C THR A 63 -30.04 -15.05 28.33
N ALA A 64 -29.28 -16.15 28.26
CA ALA A 64 -29.86 -17.45 28.52
C ALA A 64 -30.15 -17.63 30.01
N GLU A 65 -29.28 -17.11 30.87
CA GLU A 65 -29.56 -17.12 32.30
C GLU A 65 -30.67 -16.12 32.64
N GLY A 66 -30.64 -14.95 32.00
CA GLY A 66 -31.63 -13.94 32.32
C GLY A 66 -33.05 -14.39 32.04
N VAL A 67 -33.24 -15.17 30.98
CA VAL A 67 -34.57 -15.70 30.69
C VAL A 67 -35.00 -16.69 31.77
N GLU A 68 -34.06 -17.52 32.25
CA GLU A 68 -34.39 -18.44 33.33
C GLU A 68 -34.55 -17.71 34.65
N GLU A 69 -33.77 -16.65 34.87
CA GLU A 69 -33.97 -15.83 36.06
C GLU A 69 -35.35 -15.21 36.06
N LEU A 70 -35.89 -14.90 34.88
CA LEU A 70 -37.22 -14.29 34.79
C LEU A 70 -38.31 -15.29 35.13
N GLY A 71 -38.21 -16.50 34.57
CA GLY A 71 -39.23 -17.52 34.85
C GLY A 71 -39.30 -17.88 36.32
N ARG A 72 -38.19 -17.77 37.04
CA ARG A 72 -38.14 -18.14 38.45
C ARG A 72 -38.52 -16.99 39.38
N ALA A 73 -39.10 -15.91 38.84
CA ALA A 73 -39.47 -14.78 39.69
C ALA A 73 -40.66 -15.12 40.58
N GLY A 74 -41.62 -15.88 40.05
CA GLY A 74 -42.79 -16.29 40.83
C GLY A 74 -42.54 -17.54 41.64
N VAL A 75 -41.77 -17.40 42.72
CA VAL A 75 -41.37 -18.56 43.54
C VAL A 75 -42.30 -18.67 44.74
N GLY A 76 -42.76 -17.55 45.26
CA GLY A 76 -43.63 -17.55 46.42
C GLY A 76 -45.10 -17.65 46.05
N ALA B 2 -0.68 -11.71 15.95
CA ALA B 2 -0.11 -10.44 16.36
C ALA B 2 -0.31 -9.38 15.28
N ALA B 3 -0.10 -8.12 15.64
CA ALA B 3 -0.31 -7.01 14.70
C ALA B 3 0.82 -6.98 13.67
N PRO B 4 0.54 -7.08 12.38
CA PRO B 4 1.62 -7.10 11.39
C PRO B 4 2.07 -5.71 10.94
N ILE B 5 3.02 -5.67 10.01
CA ILE B 5 3.45 -4.43 9.36
C ILE B 5 3.02 -4.51 7.90
N TRP B 6 2.32 -3.47 7.44
CA TRP B 6 1.72 -3.51 6.11
C TRP B 6 2.69 -3.11 5.00
N MET B 7 3.89 -2.66 5.33
CA MET B 7 4.84 -2.16 4.35
C MET B 7 5.83 -3.22 3.89
N ALA B 8 6.27 -4.09 4.78
CA ALA B 8 7.22 -5.14 4.39
C ALA B 8 6.63 -6.10 3.38
N SER B 9 5.31 -6.16 3.26
CA SER B 9 4.63 -7.13 2.41
C SER B 9 4.20 -6.47 1.10
N PRO B 10 4.48 -7.06 -0.06
CA PRO B 10 4.08 -6.42 -1.32
C PRO B 10 2.58 -6.39 -1.48
N PRO B 11 2.07 -5.56 -2.38
CA PRO B 11 0.61 -5.53 -2.61
C PRO B 11 0.06 -6.84 -3.14
N GLU B 12 0.90 -7.68 -3.76
CA GLU B 12 0.42 -8.96 -4.27
C GLU B 12 -0.14 -9.83 -3.15
N VAL B 13 0.50 -9.82 -1.98
CA VAL B 13 0.05 -10.68 -0.89
C VAL B 13 -1.14 -10.05 -0.17
N HIS B 14 -1.14 -8.72 0.00
CA HIS B 14 -2.27 -8.05 0.63
C HIS B 14 -3.54 -8.28 -0.18
N SER B 15 -3.44 -8.21 -1.51
CA SER B 15 -4.60 -8.41 -2.36
C SER B 15 -5.01 -9.88 -2.46
N ALA B 16 -4.07 -10.79 -2.25
CA ALA B 16 -4.38 -12.21 -2.37
C ALA B 16 -5.25 -12.69 -1.21
N LEU B 17 -4.82 -12.43 0.02
CA LEU B 17 -5.61 -12.83 1.19
C LEU B 17 -7.01 -12.21 1.15
N LEU B 18 -7.09 -10.94 0.72
CA LEU B 18 -8.34 -10.20 0.84
C LEU B 18 -9.28 -10.51 -0.31
N SER B 19 -8.75 -10.74 -1.52
CA SER B 19 -9.60 -10.97 -2.67
C SER B 19 -10.37 -12.28 -2.56
N ASN B 20 -9.78 -13.29 -1.93
CA ASN B 20 -10.33 -14.65 -1.91
C ASN B 20 -10.87 -14.95 -0.52
N GLY B 21 -12.18 -15.15 -0.43
CA GLY B 21 -12.83 -15.45 0.82
C GLY B 21 -14.33 -15.58 0.66
N PRO B 22 -15.02 -15.96 1.74
CA PRO B 22 -16.48 -16.11 1.63
C PRO B 22 -17.19 -14.82 1.27
N GLY B 23 -16.71 -13.70 1.78
CA GLY B 23 -17.36 -12.43 1.57
C GLY B 23 -17.99 -11.91 2.86
N PRO B 24 -18.46 -10.65 2.84
CA PRO B 24 -19.09 -10.09 4.04
C PRO B 24 -20.47 -10.64 4.32
N GLY B 25 -21.00 -11.53 3.48
CA GLY B 25 -22.35 -12.04 3.66
C GLY B 25 -22.58 -12.65 5.03
N SER B 26 -21.51 -13.12 5.68
CA SER B 26 -21.68 -13.71 7.00
C SER B 26 -21.94 -12.65 8.05
N LEU B 27 -21.35 -11.46 7.88
CA LEU B 27 -21.58 -10.38 8.83
C LEU B 27 -23.02 -9.86 8.73
N VAL B 28 -23.49 -9.59 7.51
CA VAL B 28 -24.84 -9.08 7.34
C VAL B 28 -25.87 -10.11 7.81
N ALA B 29 -25.55 -11.41 7.70
CA ALA B 29 -26.45 -12.43 8.21
C ALA B 29 -26.60 -12.36 9.73
N ALA B 30 -25.62 -11.79 10.42
CA ALA B 30 -25.71 -11.56 11.86
C ALA B 30 -26.37 -10.22 12.17
N ALA B 31 -26.07 -9.19 11.38
CA ALA B 31 -26.72 -7.90 11.55
C ALA B 31 -28.24 -8.06 11.51
N THR B 32 -28.75 -8.76 10.50
CA THR B 32 -30.18 -8.98 10.40
C THR B 32 -30.70 -9.98 11.43
N ALA B 33 -29.80 -10.61 12.19
CA ALA B 33 -30.19 -11.48 13.29
C ALA B 33 -30.13 -10.77 14.63
N TRP B 34 -29.17 -9.85 14.81
CA TRP B 34 -29.18 -9.00 15.99
C TRP B 34 -30.33 -8.01 15.93
N SER B 35 -30.59 -7.44 14.75
CA SER B 35 -31.70 -6.50 14.62
C SER B 35 -33.05 -7.20 14.73
N GLN B 36 -33.15 -8.44 14.25
CA GLN B 36 -34.33 -9.24 14.53
C GLN B 36 -34.43 -9.56 16.01
N LEU B 37 -33.29 -9.82 16.66
CA LEU B 37 -33.27 -10.14 18.08
C LEU B 37 -33.58 -8.91 18.92
N SER B 38 -33.09 -7.74 18.50
CA SER B 38 -33.36 -6.52 19.26
C SER B 38 -34.84 -6.18 19.25
N ALA B 39 -35.53 -6.46 18.13
CA ALA B 39 -36.95 -6.14 18.05
C ALA B 39 -37.78 -7.06 18.94
N GLU B 40 -37.29 -8.27 19.21
CA GLU B 40 -38.01 -9.18 20.09
C GLU B 40 -37.68 -8.94 21.57
N TYR B 41 -36.49 -8.41 21.86
CA TYR B 41 -36.19 -7.97 23.21
C TYR B 41 -37.06 -6.78 23.60
N ALA B 42 -37.36 -5.90 22.65
CA ALA B 42 -38.21 -4.76 22.92
C ALA B 42 -39.68 -5.16 22.96
N SER B 43 -40.12 -5.95 21.97
CA SER B 43 -41.53 -6.32 21.89
C SER B 43 -41.98 -7.02 23.17
N THR B 44 -41.10 -7.83 23.77
CA THR B 44 -41.45 -8.55 24.99
C THR B 44 -41.44 -7.65 26.22
N ALA B 45 -40.76 -6.50 26.15
CA ALA B 45 -40.76 -5.57 27.27
C ALA B 45 -42.14 -4.92 27.43
N ALA B 46 -42.77 -4.56 26.30
CA ALA B 46 -44.10 -3.97 26.38
C ALA B 46 -45.15 -4.99 26.83
N GLU B 47 -44.95 -6.27 26.49
CA GLU B 47 -45.85 -7.30 27.01
C GLU B 47 -45.67 -7.47 28.51
N LEU B 48 -44.43 -7.37 28.99
CA LEU B 48 -44.17 -7.50 30.42
C LEU B 48 -44.75 -6.32 31.18
N SER B 49 -44.51 -5.11 30.70
CA SER B 49 -45.08 -3.93 31.34
C SER B 49 -46.61 -3.95 31.31
N GLY B 50 -47.19 -4.71 30.37
CA GLY B 50 -48.63 -4.88 30.33
C GLY B 50 -49.05 -6.20 30.96
N LEU B 51 -48.27 -6.67 31.93
CA LEU B 51 -48.58 -7.93 32.59
C LEU B 51 -49.85 -7.83 33.43
N LEU B 52 -50.04 -6.70 34.12
CA LEU B 52 -51.28 -6.46 34.83
C LEU B 52 -52.45 -6.47 33.84
N GLY B 53 -53.65 -6.45 34.38
CA GLY B 53 -54.83 -6.57 33.52
C GLY B 53 -55.16 -8.02 33.23
N ALA B 54 -54.12 -8.86 33.15
CA ALA B 54 -54.34 -10.30 33.15
C ALA B 54 -54.82 -10.80 34.50
N VAL B 55 -54.69 -9.99 35.55
CA VAL B 55 -55.26 -10.26 36.86
C VAL B 55 -56.70 -9.77 36.85
N PRO B 56 -57.69 -10.64 36.71
CA PRO B 56 -59.07 -10.16 36.54
C PRO B 56 -59.69 -9.72 37.86
N GLY B 57 -60.49 -8.65 37.79
CA GLY B 57 -61.23 -8.17 38.93
C GLY B 57 -60.42 -8.05 40.19
N TRP B 58 -60.51 -9.05 41.07
CA TRP B 58 -59.88 -8.97 42.39
C TRP B 58 -58.37 -8.90 42.28
N ALA B 59 -57.87 -7.78 41.73
CA ALA B 59 -56.43 -7.50 41.80
C ALA B 59 -55.97 -7.37 43.25
N TRP B 60 -56.89 -7.11 44.17
CA TRP B 60 -56.66 -7.27 45.60
C TRP B 60 -55.28 -6.81 46.03
N SER B 64 -53.95 -8.95 48.05
CA SER B 64 -53.62 -10.33 48.35
C SER B 64 -52.16 -10.61 47.98
N ALA B 65 -51.96 -11.21 46.80
CA ALA B 65 -50.64 -11.58 46.31
C ALA B 65 -50.36 -10.82 45.02
N GLU B 66 -50.14 -9.52 45.14
CA GLU B 66 -49.63 -8.72 44.03
C GLU B 66 -48.11 -8.79 43.91
N TRP B 67 -47.44 -9.41 44.90
CA TRP B 67 -46.00 -9.59 44.83
C TRP B 67 -45.58 -10.38 43.60
N TYR B 68 -46.48 -11.18 43.03
CA TYR B 68 -46.16 -11.93 41.82
C TYR B 68 -45.78 -11.00 40.69
N VAL B 69 -46.71 -10.12 40.28
CA VAL B 69 -46.41 -9.19 39.20
C VAL B 69 -45.37 -8.18 39.64
N ALA B 70 -45.29 -7.87 40.93
CA ALA B 70 -44.28 -6.92 41.41
C ALA B 70 -42.87 -7.43 41.19
N ALA B 71 -42.69 -8.76 41.07
CA ALA B 71 -41.37 -9.35 40.93
C ALA B 71 -40.95 -9.60 39.49
N HIS B 72 -41.91 -9.69 38.56
CA HIS B 72 -41.57 -9.85 37.16
C HIS B 72 -41.27 -8.53 36.47
N LEU B 73 -41.90 -7.45 36.92
CA LEU B 73 -41.74 -6.17 36.23
C LEU B 73 -40.31 -5.65 36.22
N PRO B 74 -39.54 -5.75 37.31
CA PRO B 74 -38.18 -5.19 37.28
C PRO B 74 -37.33 -5.68 36.12
N TYR B 75 -37.62 -6.85 35.57
CA TYR B 75 -36.84 -7.36 34.43
C TYR B 75 -37.15 -6.62 33.13
N VAL B 76 -38.10 -5.69 33.12
CA VAL B 76 -38.34 -4.91 31.92
C VAL B 76 -37.20 -3.95 31.66
N ALA B 77 -36.45 -3.56 32.70
CA ALA B 77 -35.28 -2.73 32.49
C ALA B 77 -34.16 -3.51 31.82
N TRP B 78 -34.02 -4.79 32.18
CA TRP B 78 -33.02 -5.63 31.55
C TRP B 78 -33.36 -5.90 30.09
N LEU B 79 -34.66 -5.96 29.76
CA LEU B 79 -35.04 -6.19 28.36
C LEU B 79 -34.78 -4.96 27.50
N THR B 80 -34.81 -3.76 28.09
CA THR B 80 -34.51 -2.56 27.31
C THR B 80 -33.01 -2.41 27.07
N GLN B 81 -32.20 -2.64 28.12
CA GLN B 81 -30.75 -2.61 27.95
C GLN B 81 -30.27 -3.76 27.09
N ALA B 82 -31.04 -4.86 27.02
CA ALA B 82 -30.69 -5.97 26.14
C ALA B 82 -31.04 -5.64 24.69
N SER B 83 -32.18 -5.00 24.46
CA SER B 83 -32.54 -4.56 23.12
C SER B 83 -31.63 -3.46 22.61
N ALA B 84 -30.95 -2.74 23.51
CA ALA B 84 -30.06 -1.65 23.11
C ALA B 84 -28.76 -2.20 22.51
N ASP B 85 -27.94 -2.85 23.34
CA ASP B 85 -26.67 -3.39 22.88
C ASP B 85 -26.85 -4.50 21.85
N ALA B 86 -28.07 -4.97 21.61
CA ALA B 86 -28.32 -5.88 20.50
C ALA B 86 -28.36 -5.13 19.18
N ALA B 87 -29.15 -4.05 19.11
CA ALA B 87 -29.18 -3.21 17.91
C ALA B 87 -27.88 -2.45 17.71
N GLY B 88 -27.04 -2.35 18.74
CA GLY B 88 -25.72 -1.78 18.58
C GLY B 88 -24.77 -2.77 17.93
N ALA B 89 -24.88 -4.05 18.31
CA ALA B 89 -24.08 -5.09 17.68
C ALA B 89 -24.48 -5.26 16.21
N ALA B 90 -25.77 -5.10 15.92
CA ALA B 90 -26.21 -5.13 14.52
C ALA B 90 -25.57 -3.99 13.73
N ALA B 91 -25.29 -2.87 14.40
CA ALA B 91 -24.60 -1.77 13.75
C ALA B 91 -23.10 -2.01 13.67
N GLN B 92 -22.53 -2.67 14.67
CA GLN B 92 -21.11 -3.02 14.62
C GLN B 92 -20.83 -3.97 13.47
N HIS B 93 -21.68 -4.98 13.27
CA HIS B 93 -21.46 -5.93 12.18
C HIS B 93 -21.64 -5.26 10.83
N GLU B 94 -22.76 -4.54 10.65
CA GLU B 94 -23.00 -3.88 9.37
C GLU B 94 -21.91 -2.87 9.04
N ALA B 95 -21.20 -2.36 10.05
CA ALA B 95 -20.11 -1.42 9.80
C ALA B 95 -18.89 -2.16 9.24
N ALA B 96 -18.52 -3.28 9.87
CA ALA B 96 -17.37 -4.04 9.40
C ALA B 96 -17.60 -4.59 7.99
N ALA B 97 -18.85 -4.97 7.68
CA ALA B 97 -19.15 -5.45 6.34
C ALA B 97 -18.92 -4.36 5.30
N ALA B 98 -19.39 -3.14 5.57
CA ALA B 98 -19.13 -2.03 4.67
C ALA B 98 -17.66 -1.65 4.66
N ALA B 99 -16.95 -1.88 5.78
CA ALA B 99 -15.52 -1.64 5.80
C ALA B 99 -14.79 -2.60 4.87
N TYR B 100 -15.26 -3.85 4.79
CA TYR B 100 -14.63 -4.82 3.91
C TYR B 100 -14.90 -4.50 2.44
N THR B 101 -16.18 -4.33 2.09
CA THR B 101 -16.53 -4.11 0.68
C THR B 101 -15.82 -2.88 0.13
N THR B 102 -15.68 -1.83 0.93
CA THR B 102 -14.99 -0.64 0.45
C THR B 102 -13.48 -0.83 0.41
N ALA B 103 -12.92 -1.68 1.28
CA ALA B 103 -11.50 -1.97 1.22
C ALA B 103 -11.16 -2.90 0.06
N LEU B 104 -12.06 -3.82 -0.27
CA LEU B 104 -11.82 -4.70 -1.40
C LEU B 104 -11.82 -3.93 -2.71
N ALA B 105 -12.74 -2.97 -2.86
CA ALA B 105 -12.80 -2.15 -4.07
C ALA B 105 -11.68 -1.13 -4.14
N ALA B 106 -10.96 -0.89 -3.04
CA ALA B 106 -9.82 0.00 -3.03
C ALA B 106 -8.48 -0.74 -3.12
N MET B 107 -8.49 -2.06 -3.00
CA MET B 107 -7.26 -2.84 -3.13
C MET B 107 -6.94 -3.09 -4.60
N PRO B 108 -5.70 -2.89 -5.03
CA PRO B 108 -5.36 -3.20 -6.42
C PRO B 108 -5.46 -4.69 -6.68
N THR B 109 -6.01 -5.04 -7.84
CA THR B 109 -6.28 -6.43 -8.18
C THR B 109 -5.00 -7.20 -8.41
N LEU B 110 -5.08 -8.52 -8.21
CA LEU B 110 -3.98 -9.39 -8.60
C LEU B 110 -3.72 -9.31 -10.10
N ALA B 111 -4.78 -9.20 -10.89
CA ALA B 111 -4.61 -9.08 -12.34
C ALA B 111 -4.00 -7.73 -12.71
N GLU B 112 -4.34 -6.67 -11.98
CA GLU B 112 -3.69 -5.39 -12.21
C GLU B 112 -2.19 -5.50 -11.94
N LEU B 113 -1.84 -5.99 -10.75
CA LEU B 113 -0.42 -6.21 -10.43
C LEU B 113 0.24 -7.15 -11.43
N ALA B 114 -0.52 -8.13 -11.93
CA ALA B 114 0.01 -9.02 -12.96
C ALA B 114 0.38 -8.24 -14.21
N ALA B 115 -0.55 -7.45 -14.74
CA ALA B 115 -0.31 -6.71 -15.97
C ALA B 115 0.78 -5.65 -15.79
N ASN B 116 1.11 -5.29 -14.56
CA ASN B 116 2.17 -4.32 -14.33
C ASN B 116 3.53 -4.91 -14.67
N HIS B 117 3.81 -6.11 -14.16
CA HIS B 117 5.13 -6.70 -14.32
C HIS B 117 5.39 -7.17 -15.75
N VAL B 118 4.34 -7.62 -16.45
CA VAL B 118 4.54 -8.01 -17.84
C VAL B 118 4.91 -6.80 -18.68
N ILE B 119 4.40 -5.63 -18.33
CA ILE B 119 4.79 -4.42 -19.06
C ILE B 119 6.23 -4.03 -18.73
N HIS B 120 6.69 -4.35 -17.52
CA HIS B 120 8.04 -3.95 -17.12
C HIS B 120 9.09 -4.76 -17.85
N THR B 121 8.78 -6.01 -18.21
CA THR B 121 9.76 -6.84 -18.91
C THR B 121 9.85 -6.46 -20.39
N VAL B 122 8.73 -6.12 -21.02
CA VAL B 122 8.75 -5.76 -22.43
C VAL B 122 9.33 -4.37 -22.64
N LEU B 123 9.27 -3.49 -21.62
CA LEU B 123 9.99 -2.23 -21.71
C LEU B 123 11.50 -2.47 -21.75
N VAL B 124 11.98 -3.43 -20.94
CA VAL B 124 13.39 -3.78 -20.97
C VAL B 124 13.79 -4.33 -22.33
N ALA B 125 12.88 -5.04 -23.00
CA ALA B 125 13.17 -5.64 -24.29
C ALA B 125 13.52 -4.57 -25.32
N THR B 126 12.55 -3.74 -25.68
CA THR B 126 12.72 -2.74 -26.73
C THR B 126 12.23 -1.39 -26.20
N ASN B 127 13.17 -0.49 -25.91
CA ASN B 127 12.83 0.85 -25.44
C ASN B 127 13.96 1.78 -25.88
N PHE B 128 13.82 2.35 -27.08
CA PHE B 128 14.79 3.33 -27.56
C PHE B 128 14.11 4.62 -27.99
N PHE B 129 13.17 4.54 -28.93
CA PHE B 129 12.51 5.73 -29.43
C PHE B 129 11.70 6.42 -28.33
N GLY B 130 10.69 5.72 -27.80
CA GLY B 130 9.91 6.26 -26.71
C GLY B 130 10.60 6.15 -25.37
N ILE B 131 11.81 6.73 -25.27
CA ILE B 131 12.60 6.60 -24.06
C ILE B 131 12.59 7.86 -23.21
N ASN B 132 12.25 9.01 -23.77
CA ASN B 132 12.05 10.21 -22.97
C ASN B 132 10.66 10.28 -22.37
N THR B 133 9.72 9.47 -22.86
CA THR B 133 8.48 9.25 -22.12
C THR B 133 8.72 8.52 -20.80
N ILE B 134 9.96 8.13 -20.52
CA ILE B 134 10.37 7.46 -19.29
C ILE B 134 9.35 6.40 -18.90
N PRO B 135 9.13 5.38 -19.75
CA PRO B 135 8.18 4.32 -19.38
C PRO B 135 8.69 3.40 -18.29
N ILE B 136 10.00 3.11 -18.26
CA ILE B 136 10.55 2.29 -17.19
C ILE B 136 10.19 2.90 -15.84
N THR B 137 10.34 4.22 -15.71
CA THR B 137 10.09 4.86 -14.43
C THR B 137 8.61 4.89 -14.08
N LEU B 138 7.77 5.34 -15.03
CA LEU B 138 6.35 5.45 -14.73
C LEU B 138 5.70 4.09 -14.51
N ASN B 139 6.28 3.01 -15.04
CA ASN B 139 5.76 1.68 -14.75
C ASN B 139 6.15 1.20 -13.37
N GLU B 140 7.34 1.57 -12.90
CA GLU B 140 7.70 1.28 -11.51
C GLU B 140 6.96 2.22 -10.56
N ALA B 141 6.82 3.48 -10.93
CA ALA B 141 6.08 4.43 -10.10
C ALA B 141 4.63 4.00 -9.95
N ASP B 142 4.08 3.34 -10.95
CA ASP B 142 2.73 2.78 -10.81
C ASP B 142 2.72 1.60 -9.85
N TYR B 143 3.82 0.86 -9.76
CA TYR B 143 3.90 -0.26 -8.82
C TYR B 143 3.99 0.27 -7.39
N VAL B 144 4.94 1.16 -7.12
CA VAL B 144 5.06 1.72 -5.77
C VAL B 144 3.77 2.40 -5.35
N ARG B 145 3.03 2.98 -6.31
CA ARG B 145 1.69 3.47 -6.01
C ARG B 145 0.82 2.34 -5.49
N MET B 146 0.72 1.24 -6.25
CA MET B 146 -0.05 0.09 -5.79
C MET B 146 0.51 -0.48 -4.50
N TRP B 147 1.83 -0.41 -4.31
CA TRP B 147 2.43 -0.84 -3.06
C TRP B 147 1.86 -0.02 -1.89
N LEU B 148 1.87 1.30 -2.02
CA LEU B 148 1.39 2.16 -0.94
C LEU B 148 -0.12 2.12 -0.82
N GLN B 149 -0.84 1.98 -1.94
CA GLN B 149 -2.29 1.87 -1.86
C GLN B 149 -2.69 0.61 -1.07
N ALA B 150 -2.03 -0.51 -1.35
CA ALA B 150 -2.34 -1.74 -0.62
C ALA B 150 -2.02 -1.59 0.86
N ALA B 151 -0.88 -0.98 1.18
CA ALA B 151 -0.49 -0.85 2.58
C ALA B 151 -1.43 0.11 3.31
N ALA B 152 -1.82 1.21 2.64
CA ALA B 152 -2.74 2.16 3.26
C ALA B 152 -4.10 1.53 3.50
N VAL B 153 -4.66 0.87 2.48
CA VAL B 153 -5.99 0.29 2.61
C VAL B 153 -6.04 -0.69 3.79
N MET B 154 -5.01 -1.51 3.94
CA MET B 154 -5.01 -2.46 5.06
C MET B 154 -4.90 -1.73 6.39
N GLY B 155 -4.01 -0.75 6.47
CA GLY B 155 -3.89 0.02 7.70
C GLY B 155 -5.20 0.68 8.11
N LEU B 156 -5.98 1.14 7.13
CA LEU B 156 -7.27 1.74 7.43
C LEU B 156 -8.31 0.67 7.75
N TYR B 157 -8.31 -0.43 7.01
CA TYR B 157 -9.24 -1.52 7.30
C TYR B 157 -8.99 -2.10 8.69
N GLN B 158 -7.75 -2.04 9.17
CA GLN B 158 -7.46 -2.47 10.52
C GLN B 158 -8.14 -1.57 11.55
N ALA B 159 -8.09 -0.25 11.33
CA ALA B 159 -8.70 0.68 12.26
C ALA B 159 -10.21 0.72 12.10
N ALA B 160 -10.71 0.77 10.86
CA ALA B 160 -12.14 0.77 10.63
C ALA B 160 -12.79 -0.45 11.29
N SER B 161 -12.19 -1.63 11.11
CA SER B 161 -12.71 -2.83 11.72
C SER B 161 -12.27 -2.99 13.18
N GLY B 162 -11.23 -2.27 13.59
CA GLY B 162 -10.83 -2.31 14.98
C GLY B 162 -11.74 -1.50 15.89
N ALA B 163 -12.37 -0.45 15.35
CA ALA B 163 -13.29 0.36 16.11
C ALA B 163 -14.71 -0.17 16.09
N ALA B 164 -15.13 -0.80 14.98
CA ALA B 164 -16.42 -1.47 14.95
C ALA B 164 -16.48 -2.62 15.94
N LEU B 165 -15.33 -3.24 16.23
CA LEU B 165 -15.29 -4.31 17.22
C LEU B 165 -15.35 -3.79 18.64
N ALA B 166 -14.95 -2.54 18.85
CA ALA B 166 -14.94 -1.98 20.20
C ALA B 166 -16.34 -1.97 20.80
N SER B 167 -16.41 -2.32 22.08
CA SER B 167 -17.69 -2.38 22.79
C SER B 167 -17.42 -2.09 24.26
N ALA B 168 -17.82 -0.91 24.72
CA ALA B 168 -17.59 -0.51 26.10
C ALA B 168 -18.39 -1.37 27.08
N ASN C 4 36.49 6.86 -1.81
CA ASN C 4 36.28 6.56 -0.41
C ASN C 4 34.79 6.63 -0.05
N ALA C 5 34.20 5.47 0.21
CA ALA C 5 32.77 5.38 0.50
C ALA C 5 32.51 4.03 1.18
N VAL C 6 31.26 3.58 1.15
CA VAL C 6 30.89 2.33 1.82
C VAL C 6 29.63 1.78 1.17
N GLU C 7 29.49 0.46 1.20
CA GLU C 7 28.31 -0.22 0.69
C GLU C 7 27.69 -1.09 1.79
N LEU C 8 26.45 -1.49 1.57
CA LEU C 8 25.71 -2.32 2.51
C LEU C 8 24.48 -2.85 1.79
N THR C 9 23.68 -3.63 2.51
CA THR C 9 22.50 -4.28 1.95
C THR C 9 21.24 -3.49 2.29
N VAL C 10 20.13 -3.91 1.69
CA VAL C 10 18.87 -3.18 1.86
C VAL C 10 18.38 -3.29 3.30
N GLU C 11 18.55 -4.45 3.92
CA GLU C 11 18.15 -4.61 5.32
C GLU C 11 19.05 -3.79 6.24
N ASN C 12 20.36 -3.74 5.93
CA ASN C 12 21.26 -2.89 6.69
C ASN C 12 20.86 -1.42 6.57
N ALA C 13 20.61 -0.97 5.34
CA ALA C 13 20.30 0.45 5.12
C ALA C 13 19.10 0.88 5.94
N TRP C 14 18.01 0.11 5.88
CA TRP C 14 16.77 0.55 6.52
C TRP C 14 16.93 0.71 8.03
N PHE C 15 17.76 -0.12 8.66
CA PHE C 15 17.93 0.00 10.10
C PHE C 15 18.55 1.34 10.48
N ILE C 16 19.43 1.87 9.62
CA ILE C 16 20.05 3.15 9.91
C ILE C 16 19.01 4.27 9.90
N ALA C 17 17.98 4.16 9.06
CA ALA C 17 16.93 5.15 9.03
C ALA C 17 16.15 5.20 10.33
N GLU C 18 16.27 4.17 11.18
CA GLU C 18 15.52 4.13 12.44
C GLU C 18 16.28 4.80 13.58
N MET C 19 17.60 4.75 13.58
CA MET C 19 18.38 5.45 14.60
C MET C 19 18.69 6.88 14.18
N VAL C 20 18.98 7.11 12.90
CA VAL C 20 19.26 8.46 12.43
C VAL C 20 17.97 9.28 12.33
N GLY C 21 16.87 8.64 11.99
CA GLY C 21 15.60 9.33 11.89
C GLY C 21 15.31 9.96 10.55
N ALA C 22 16.04 9.56 9.50
CA ALA C 22 15.82 10.15 8.18
C ALA C 22 14.42 9.82 7.66
N GLY C 23 13.96 8.60 7.91
CA GLY C 23 12.60 8.23 7.56
C GLY C 23 12.50 7.21 6.45
N THR C 24 11.86 7.59 5.35
CA THR C 24 11.62 6.69 4.22
C THR C 24 12.58 7.03 3.09
N PHE C 25 13.25 6.00 2.57
CA PHE C 25 14.14 6.18 1.43
C PHE C 25 13.31 6.50 0.18
N PRO C 26 13.94 7.10 -0.84
CA PRO C 26 13.28 7.20 -2.14
C PRO C 26 12.93 5.81 -2.66
N TRP C 27 11.74 5.69 -3.25
CA TRP C 27 11.23 4.39 -3.66
C TRP C 27 11.85 3.89 -4.96
N VAL C 28 12.70 4.69 -5.60
CA VAL C 28 13.50 4.16 -6.69
C VAL C 28 14.48 3.12 -6.17
N LEU C 29 14.96 3.28 -4.94
CA LEU C 29 15.84 2.29 -4.35
C LEU C 29 15.09 1.04 -3.91
N ALA C 30 13.78 1.13 -3.73
CA ALA C 30 12.96 -0.01 -3.32
C ALA C 30 13.41 -0.57 -1.97
N ILE C 31 13.90 0.30 -1.08
CA ILE C 31 14.34 -0.11 0.25
C ILE C 31 13.11 -0.17 1.15
N THR C 32 12.55 -1.36 1.30
CA THR C 32 11.40 -1.59 2.16
C THR C 32 11.86 -2.07 3.53
N THR C 33 10.91 -2.25 4.43
CA THR C 33 11.25 -2.78 5.75
C THR C 33 11.49 -4.29 5.67
N PRO C 34 12.50 -4.81 6.38
CA PRO C 34 12.80 -6.25 6.26
C PRO C 34 11.75 -7.16 6.89
N TYR C 35 11.34 -6.87 8.12
CA TYR C 35 10.43 -7.74 8.85
C TYR C 35 8.99 -7.26 8.74
N SER C 36 8.06 -8.21 8.85
CA SER C 36 6.64 -7.94 8.65
C SER C 36 5.83 -8.25 9.91
N ASP C 37 6.41 -7.98 11.08
CA ASP C 37 5.68 -8.07 12.33
C ASP C 37 6.53 -7.57 13.48
N GLU C 38 5.95 -6.75 14.36
CA GLU C 38 6.71 -6.27 15.51
C GLU C 38 7.11 -7.42 16.43
N ALA C 39 6.50 -8.60 16.29
CA ALA C 39 6.96 -9.76 17.03
C ALA C 39 8.33 -10.21 16.58
N GLN C 40 8.68 -9.94 15.32
CA GLN C 40 10.00 -10.23 14.78
C GLN C 40 10.94 -9.02 14.87
N ARG C 41 10.50 -7.92 15.49
CA ARG C 41 11.30 -6.70 15.50
C ARG C 41 12.57 -6.88 16.31
N SER C 42 12.44 -7.28 17.58
CA SER C 42 13.60 -7.42 18.44
C SER C 42 14.65 -8.35 17.83
N ALA C 43 14.21 -9.38 17.10
CA ALA C 43 15.16 -10.28 16.46
C ALA C 43 16.09 -9.54 15.52
N PHE C 44 15.55 -8.59 14.74
CA PHE C 44 16.35 -7.85 13.78
C PHE C 44 16.91 -6.56 14.37
N PHE C 45 16.20 -5.91 15.30
CA PHE C 45 16.81 -4.81 16.04
C PHE C 45 18.10 -5.25 16.70
N ALA C 46 18.21 -6.53 17.04
CA ALA C 46 19.41 -7.08 17.67
C ALA C 46 20.37 -7.73 16.68
N ARG C 47 19.86 -8.25 15.55
CA ARG C 47 20.74 -8.86 14.56
C ARG C 47 21.40 -7.82 13.68
N GLN C 48 20.73 -6.70 13.42
CA GLN C 48 21.30 -5.66 12.57
C GLN C 48 22.38 -4.87 13.30
N ARG C 49 22.08 -4.40 14.51
CA ARG C 49 23.10 -3.75 15.32
C ARG C 49 24.29 -4.67 15.55
N ASP C 50 24.10 -5.99 15.44
CA ASP C 50 25.19 -6.92 15.56
C ASP C 50 26.03 -6.95 14.29
N GLU C 51 25.39 -6.89 13.12
CA GLU C 51 26.12 -6.93 11.86
C GLU C 51 26.81 -5.60 11.54
N LEU C 52 26.24 -4.48 12.00
CA LEU C 52 26.80 -3.18 11.66
C LEU C 52 28.05 -2.87 12.49
N THR C 53 28.13 -3.39 13.72
CA THR C 53 29.36 -3.23 14.50
C THR C 53 30.49 -4.06 13.92
N GLN C 54 30.17 -5.14 13.20
CA GLN C 54 31.20 -5.92 12.52
C GLN C 54 31.88 -5.11 11.42
N LEU C 55 31.14 -4.21 10.77
CA LEU C 55 31.72 -3.34 9.75
C LEU C 55 32.33 -2.06 10.34
N GLY C 56 32.02 -1.73 11.59
CA GLY C 56 32.59 -0.58 12.25
C GLY C 56 31.78 0.68 12.15
N LEU C 57 30.88 0.79 11.17
CA LEU C 57 30.13 2.03 10.99
C LEU C 57 29.24 2.32 12.20
N LEU C 58 28.76 1.28 12.88
CA LEU C 58 27.98 1.44 14.10
C LEU C 58 28.91 1.26 15.30
N SER C 59 28.91 2.26 16.19
CA SER C 59 29.86 2.29 17.30
C SER C 59 29.52 1.26 18.37
N SER C 60 29.90 1.54 19.61
CA SER C 60 29.74 0.57 20.69
C SER C 60 28.28 0.10 20.81
N ASP C 61 27.38 1.03 21.16
CA ASP C 61 26.00 0.66 21.45
C ASP C 61 25.06 1.04 20.31
N GLY C 62 24.88 2.34 20.04
CA GLY C 62 23.91 2.76 19.05
C GLY C 62 24.36 3.93 18.20
N VAL C 63 25.55 4.45 18.47
CA VAL C 63 26.07 5.58 17.71
C VAL C 63 26.49 5.12 16.32
N VAL C 64 26.12 5.90 15.31
CA VAL C 64 26.41 5.58 13.92
C VAL C 64 27.52 6.50 13.43
N ASN C 65 28.17 6.09 12.34
CA ASN C 65 29.27 6.86 11.78
C ASN C 65 28.76 8.20 11.25
N PRO C 66 29.30 9.33 11.71
CA PRO C 66 28.80 10.62 11.19
C PRO C 66 29.03 10.81 9.71
N ALA C 67 30.17 10.33 9.17
CA ALA C 67 30.40 10.45 7.74
C ALA C 67 29.35 9.71 6.92
N VAL C 68 28.61 8.80 7.54
CA VAL C 68 27.57 8.04 6.87
C VAL C 68 26.19 8.52 7.29
N ALA C 69 26.00 8.86 8.57
CA ALA C 69 24.73 9.44 9.00
C ALA C 69 24.38 10.67 8.19
N GLU C 70 25.39 11.38 7.69
CA GLU C 70 25.14 12.48 6.77
C GLU C 70 24.65 11.97 5.42
N TRP C 71 25.22 10.87 4.95
CA TRP C 71 24.90 10.36 3.61
C TRP C 71 23.48 9.80 3.52
N ILE C 72 22.87 9.46 4.65
CA ILE C 72 21.51 8.90 4.61
C ILE C 72 20.46 9.99 4.71
N LYS C 73 20.67 11.00 5.56
CA LYS C 73 19.71 12.08 5.68
C LYS C 73 19.55 12.83 4.35
N VAL C 74 20.67 13.05 3.66
CA VAL C 74 20.61 13.74 2.38
C VAL C 74 19.95 12.88 1.30
N VAL C 75 19.84 11.57 1.53
CA VAL C 75 19.22 10.69 0.54
C VAL C 75 17.73 10.52 0.82
N CYS C 76 17.34 10.35 2.08
CA CYS C 76 15.93 10.16 2.39
C CYS C 76 15.12 11.41 2.04
N PHE C 77 15.57 12.57 2.50
CA PHE C 77 14.92 13.85 2.23
C PHE C 77 15.94 14.77 1.57
N PRO C 78 16.07 14.72 0.24
CA PRO C 78 16.94 15.68 -0.45
C PRO C 78 16.20 16.94 -0.86
N GLU C 79 16.90 17.85 -1.54
CA GLU C 79 16.30 19.05 -2.10
C GLU C 79 16.14 18.99 -3.61
N ARG C 80 17.15 18.49 -4.32
CA ARG C 80 17.10 18.32 -5.76
C ARG C 80 17.81 17.01 -6.11
N TRP C 81 17.06 16.05 -6.63
CA TRP C 81 17.59 14.71 -6.89
C TRP C 81 17.49 14.38 -8.38
N LEU C 82 18.01 13.19 -8.72
CA LEU C 82 18.03 12.72 -10.11
C LEU C 82 17.87 11.20 -10.08
N ASP C 83 16.66 10.73 -10.37
CA ASP C 83 16.42 9.29 -10.38
C ASP C 83 17.26 8.62 -11.46
N LEU C 84 17.80 7.45 -11.13
CA LEU C 84 18.62 6.66 -12.02
C LEU C 84 18.00 5.28 -12.20
N ARG C 85 17.93 4.80 -13.44
CA ARG C 85 17.38 3.46 -13.69
C ARG C 85 18.11 2.86 -14.88
N TYR C 86 19.18 2.12 -14.60
CA TYR C 86 19.98 1.48 -15.63
C TYR C 86 19.35 0.15 -16.04
N VAL C 87 19.52 -0.20 -17.31
CA VAL C 87 18.99 -1.43 -17.87
C VAL C 87 20.06 -2.06 -18.75
N GLY C 88 20.41 -3.31 -18.46
CA GLY C 88 21.39 -4.02 -19.24
C GLY C 88 21.34 -5.51 -18.99
N PRO C 89 21.26 -6.32 -20.06
CA PRO C 89 21.17 -7.78 -19.85
C PRO C 89 22.46 -8.38 -19.30
N ASP C 97 18.57 -8.31 -15.03
CA ASP C 97 19.52 -7.58 -14.20
C ASP C 97 19.34 -6.08 -14.41
N LEU C 98 18.94 -5.38 -13.35
CA LEU C 98 18.78 -3.93 -13.38
C LEU C 98 19.46 -3.32 -12.17
N LEU C 99 20.14 -2.19 -12.40
CA LEU C 99 20.78 -1.40 -11.36
C LEU C 99 20.13 -0.03 -11.32
N ARG C 100 19.89 0.47 -10.11
CA ARG C 100 19.17 1.73 -9.95
C ARG C 100 19.63 2.44 -8.68
N GLY C 101 19.64 3.76 -8.75
CA GLY C 101 20.07 4.58 -7.63
C GLY C 101 19.52 5.98 -7.73
N ILE C 102 20.15 6.89 -7.00
CA ILE C 102 19.70 8.29 -6.95
C ILE C 102 20.90 9.19 -6.68
N VAL C 103 20.80 10.43 -7.17
CA VAL C 103 21.83 11.44 -7.00
C VAL C 103 21.20 12.57 -6.19
N ALA C 104 21.48 12.61 -4.89
CA ALA C 104 20.85 13.57 -4.00
C ALA C 104 21.76 14.78 -3.78
N GLN C 105 21.13 15.90 -3.41
CA GLN C 105 21.84 17.12 -3.04
C GLN C 105 21.05 17.82 -1.95
N SER C 106 21.76 18.39 -0.98
CA SER C 106 21.13 19.05 0.15
C SER C 106 21.88 20.33 0.52
N PHE C 120 25.30 22.52 -1.50
CA PHE C 120 26.61 22.22 -0.94
C PHE C 120 27.05 20.80 -1.28
N ASN C 121 26.81 19.87 -0.36
CA ASN C 121 27.24 18.49 -0.55
C ASN C 121 26.29 17.75 -1.48
N THR C 122 26.78 16.66 -2.06
CA THR C 122 26.01 15.81 -2.94
C THR C 122 26.40 14.36 -2.70
N VAL C 123 25.41 13.51 -2.43
CA VAL C 123 25.65 12.11 -2.12
C VAL C 123 24.86 11.26 -3.11
N VAL C 124 25.52 10.25 -3.67
CA VAL C 124 24.94 9.38 -4.68
C VAL C 124 24.87 7.96 -4.10
N ALA C 125 23.79 7.25 -4.44
CA ALA C 125 23.56 5.89 -3.97
C ALA C 125 23.19 5.01 -5.15
N LEU C 126 23.56 3.73 -5.07
CA LEU C 126 23.24 2.75 -6.09
C LEU C 126 22.87 1.43 -5.43
N ARG C 127 21.88 0.75 -6.00
CA ARG C 127 21.38 -0.51 -5.46
C ARG C 127 21.33 -1.53 -6.59
N ASN C 128 22.24 -2.50 -6.56
CA ASN C 128 22.29 -3.54 -7.59
C ASN C 128 21.43 -4.75 -7.21
N ALA C 129 20.18 -4.45 -6.82
CA ALA C 129 19.15 -5.43 -6.46
C ALA C 129 19.40 -6.08 -5.11
N GLN C 130 20.57 -5.87 -4.49
CA GLN C 130 20.77 -6.39 -3.15
C GLN C 130 21.70 -5.51 -2.31
N LEU C 131 22.58 -4.75 -2.97
CA LEU C 131 23.61 -3.98 -2.29
C LEU C 131 23.47 -2.49 -2.59
N VAL C 132 23.20 -1.71 -1.55
CA VAL C 132 23.18 -0.25 -1.64
C VAL C 132 24.58 0.26 -1.34
N THR C 133 25.08 1.14 -2.19
CA THR C 133 26.43 1.71 -2.03
C THR C 133 26.33 3.23 -2.11
N PHE C 134 26.62 3.90 -1.00
CA PHE C 134 26.61 5.35 -0.92
C PHE C 134 27.99 5.91 -1.24
N THR C 135 28.01 7.18 -1.65
CA THR C 135 29.25 7.85 -2.02
C THR C 135 29.01 9.35 -2.02
N ALA C 136 29.98 10.11 -1.52
CA ALA C 136 29.87 11.56 -1.42
C ALA C 136 30.66 12.22 -2.55
N MET C 137 30.00 13.14 -3.25
CA MET C 137 30.58 13.86 -4.39
C MET C 137 30.51 15.36 -4.13
N ASP C 138 30.74 16.15 -5.17
CA ASP C 138 30.83 17.60 -5.08
C ASP C 138 29.98 18.24 -6.17
N ILE C 139 29.94 19.57 -6.15
CA ILE C 139 29.23 20.35 -7.16
C ILE C 139 30.26 21.11 -7.99
N ASP C 140 31.37 20.46 -8.31
CA ASP C 140 32.48 21.08 -9.00
C ASP C 140 32.06 21.75 -10.30
N ASP C 141 31.62 20.96 -11.28
CA ASP C 141 31.33 21.47 -12.61
C ASP C 141 30.24 20.61 -13.23
N PRO C 142 29.65 21.07 -14.34
CA PRO C 142 28.69 20.22 -15.05
C PRO C 142 29.31 18.95 -15.61
N ARG C 143 30.64 18.88 -15.72
CA ARG C 143 31.32 17.72 -16.28
C ARG C 143 31.60 16.63 -15.24
N ALA C 144 31.41 16.91 -13.95
CA ALA C 144 31.67 15.92 -12.92
C ALA C 144 30.56 14.89 -12.79
N LEU C 145 29.42 15.11 -13.45
CA LEU C 145 28.29 14.19 -13.34
C LEU C 145 28.25 13.14 -14.45
N VAL C 146 29.07 13.28 -15.49
CA VAL C 146 29.00 12.36 -16.62
C VAL C 146 29.60 11.01 -16.27
N PRO C 147 30.52 10.89 -15.30
CA PRO C 147 30.98 9.54 -14.92
C PRO C 147 29.88 8.72 -14.23
N VAL C 148 29.21 9.32 -13.24
CA VAL C 148 28.27 8.57 -12.43
C VAL C 148 27.03 8.19 -13.24
N LEU C 149 26.68 8.99 -14.25
CA LEU C 149 25.60 8.63 -15.16
C LEU C 149 26.07 7.73 -16.29
N GLY C 150 27.37 7.46 -16.38
CA GLY C 150 27.91 6.58 -17.40
C GLY C 150 28.71 5.43 -16.81
N VAL C 151 28.52 5.18 -15.52
CA VAL C 151 29.23 4.08 -14.85
C VAL C 151 28.40 2.81 -14.88
N GLY C 152 27.08 2.92 -14.76
CA GLY C 152 26.22 1.77 -14.88
C GLY C 152 26.10 1.25 -16.30
N LEU C 153 26.41 2.08 -17.29
CA LEU C 153 26.40 1.68 -18.68
C LEU C 153 27.56 0.72 -18.93
N SER C 154 27.85 0.45 -20.21
CA SER C 154 28.97 -0.38 -20.60
C SER C 154 30.22 0.42 -20.94
N ALA C 155 30.18 1.74 -20.77
CA ALA C 155 31.34 2.61 -20.96
C ALA C 155 31.91 2.48 -22.38
N ARG C 156 31.05 2.79 -23.36
CA ARG C 156 31.45 2.81 -24.75
C ARG C 156 31.96 4.19 -25.14
N PRO C 157 32.71 4.29 -26.24
CA PRO C 157 33.13 5.62 -26.74
C PRO C 157 32.02 6.28 -27.53
N PRO C 158 31.97 7.62 -27.52
CA PRO C 158 30.88 8.30 -28.24
C PRO C 158 30.92 8.01 -29.73
N ALA C 159 29.76 7.63 -30.27
CA ALA C 159 29.62 7.41 -31.70
C ALA C 159 29.43 8.73 -32.43
N ARG C 160 29.42 8.65 -33.77
CA ARG C 160 29.19 9.80 -34.63
C ARG C 160 28.18 9.43 -35.71
N PHE C 161 27.22 10.33 -35.94
CA PHE C 161 26.19 10.13 -36.96
C PHE C 161 25.46 11.45 -37.13
N GLU C 162 24.56 11.49 -38.11
CA GLU C 162 23.85 12.71 -38.45
C GLU C 162 22.72 12.94 -37.47
N GLU C 163 22.78 14.05 -36.75
CA GLU C 163 21.81 14.36 -35.71
C GLU C 163 20.44 14.64 -36.33
N PHE C 164 19.39 14.15 -35.67
CA PHE C 164 18.03 14.37 -36.11
C PHE C 164 17.11 14.34 -34.89
N SER C 165 16.00 15.06 -34.99
CA SER C 165 15.03 15.20 -33.91
C SER C 165 13.65 14.81 -34.42
N MET C 166 13.07 13.79 -33.81
CA MET C 166 11.75 13.30 -34.18
C MET C 166 10.78 13.44 -33.01
N PRO C 167 9.48 13.64 -33.29
CA PRO C 167 8.52 13.79 -32.20
C PRO C 167 8.49 12.53 -31.33
N MET C 168 8.22 12.74 -30.03
CA MET C 168 8.32 11.66 -29.06
C MET C 168 7.03 10.85 -28.95
N ARG C 169 5.90 11.52 -28.67
CA ARG C 169 4.65 10.80 -28.53
C ARG C 169 4.32 9.97 -29.77
N VAL C 170 4.86 10.33 -30.93
CA VAL C 170 4.78 9.47 -32.10
C VAL C 170 5.91 8.43 -32.09
N GLY C 171 7.07 8.78 -31.53
CA GLY C 171 8.15 7.82 -31.43
C GLY C 171 7.90 6.74 -30.40
N ALA C 172 7.13 7.06 -29.35
CA ALA C 172 6.73 6.03 -28.41
C ALA C 172 5.73 5.07 -29.04
N ARG C 173 4.97 5.53 -30.03
CA ARG C 173 4.08 4.63 -30.76
C ARG C 173 4.87 3.66 -31.63
N ALA C 174 6.07 4.05 -32.06
CA ALA C 174 6.91 3.15 -32.85
C ALA C 174 7.34 1.95 -32.01
N ASP C 175 7.87 2.19 -30.81
CA ASP C 175 8.31 1.09 -29.97
C ASP C 175 7.14 0.20 -29.55
N GLU C 176 5.93 0.75 -29.51
CA GLU C 176 4.77 -0.07 -29.14
C GLU C 176 4.43 -1.07 -30.24
N ARG C 177 4.78 -0.76 -31.49
CA ARG C 177 4.57 -1.72 -32.58
C ARG C 177 5.64 -2.82 -32.55
N LEU C 178 6.90 -2.43 -32.38
CA LEU C 178 7.98 -3.41 -32.35
C LEU C 178 7.74 -4.47 -31.28
N ARG C 179 7.23 -4.05 -30.11
CA ARG C 179 6.99 -4.99 -29.03
C ARG C 179 5.72 -5.82 -29.22
N SER C 180 4.85 -5.43 -30.16
CA SER C 180 3.68 -6.23 -30.50
C SER C 180 3.91 -7.07 -31.75
N GLY C 181 5.17 -7.34 -32.09
CA GLY C 181 5.48 -8.13 -33.26
C GLY C 181 5.54 -7.31 -34.54
N GLU C 182 6.62 -6.56 -34.71
CA GLU C 182 6.80 -5.74 -35.91
C GLU C 182 8.28 -5.72 -36.27
N SER C 183 8.55 -5.58 -37.56
CA SER C 183 9.92 -5.57 -38.07
C SER C 183 10.55 -4.20 -37.88
N LEU C 184 11.86 -4.19 -37.58
CA LEU C 184 12.54 -2.96 -37.20
C LEU C 184 13.10 -2.19 -38.40
N ASP C 185 13.45 -2.89 -39.48
CA ASP C 185 14.05 -2.21 -40.63
C ASP C 185 13.04 -1.47 -41.48
N GLU C 186 11.77 -1.87 -41.45
CA GLU C 186 10.74 -1.24 -42.27
C GLU C 186 10.01 -0.11 -41.54
N VAL C 187 10.37 0.16 -40.28
CA VAL C 187 9.77 1.25 -39.54
C VAL C 187 10.76 2.39 -39.28
N LEU C 188 12.04 2.09 -39.07
CA LEU C 188 13.02 3.14 -38.86
C LEU C 188 13.22 3.99 -40.10
N ASP C 189 12.71 3.56 -41.26
CA ASP C 189 12.73 4.38 -42.46
C ASP C 189 11.50 5.28 -42.57
N TYR C 190 10.40 4.91 -41.93
CA TYR C 190 9.17 5.72 -41.95
C TYR C 190 9.22 6.88 -40.97
N LEU C 191 10.36 7.56 -40.90
CA LEU C 191 10.53 8.73 -40.05
C LEU C 191 11.31 9.77 -40.84
N GLY C 192 11.69 10.87 -40.17
CA GLY C 192 12.67 11.76 -40.73
C GLY C 192 14.06 11.22 -40.49
N ILE C 193 14.26 9.95 -40.83
CA ILE C 193 15.50 9.24 -40.53
C ILE C 193 16.53 9.59 -41.61
N PRO C 194 17.78 9.85 -41.25
CA PRO C 194 18.84 9.99 -42.25
C PRO C 194 19.36 8.61 -42.66
N VAL C 195 20.35 8.62 -43.54
CA VAL C 195 20.99 7.37 -43.95
C VAL C 195 22.19 7.03 -43.07
N SER C 196 22.88 8.04 -42.55
CA SER C 196 24.07 7.82 -41.74
C SER C 196 23.76 7.36 -40.32
N ALA C 197 22.50 7.43 -39.89
CA ALA C 197 22.13 7.09 -38.53
C ALA C 197 21.27 5.85 -38.43
N ARG C 198 21.03 5.15 -39.53
CA ARG C 198 20.25 3.92 -39.50
C ARG C 198 21.08 2.75 -38.99
N PRO C 199 22.39 2.72 -39.24
CA PRO C 199 23.21 1.65 -38.65
C PRO C 199 23.31 1.73 -37.14
N VAL C 200 23.32 2.93 -36.56
CA VAL C 200 23.50 3.06 -35.12
C VAL C 200 22.19 2.81 -34.38
N VAL C 201 21.06 3.24 -34.95
CA VAL C 201 19.77 2.96 -34.33
C VAL C 201 19.34 1.51 -34.51
N GLN C 202 20.01 0.76 -35.38
CA GLN C 202 19.75 -0.66 -35.53
C GLN C 202 20.53 -1.49 -34.52
N ALA C 203 21.62 -0.95 -33.97
CA ALA C 203 22.40 -1.66 -32.97
C ALA C 203 21.83 -1.55 -31.57
N VAL C 204 20.94 -0.59 -31.33
CA VAL C 204 20.35 -0.43 -30.00
C VAL C 204 19.22 -1.42 -29.75
N PHE C 205 18.62 -1.97 -30.80
CA PHE C 205 17.59 -3.00 -30.66
C PHE C 205 18.20 -4.39 -30.75
N SER C 206 19.24 -4.63 -29.94
CA SER C 206 19.97 -5.88 -29.96
C SER C 206 20.19 -6.40 -28.55
N GLY C 207 21.04 -7.42 -28.39
CA GLY C 207 21.36 -7.96 -27.09
C GLY C 207 22.30 -7.05 -26.33
N PRO C 208 23.56 -6.98 -26.76
CA PRO C 208 24.54 -6.17 -26.03
C PRO C 208 24.29 -4.67 -26.16
N ARG C 209 23.34 -4.17 -25.36
CA ARG C 209 23.09 -2.74 -25.28
C ARG C 209 22.53 -2.43 -23.90
N SER C 210 22.77 -1.21 -23.45
CA SER C 210 22.31 -0.76 -22.14
C SER C 210 21.92 0.70 -22.23
N TYR C 211 20.94 1.09 -21.42
CA TYR C 211 20.47 2.46 -21.39
C TYR C 211 20.11 2.84 -19.96
N VAL C 212 19.63 4.07 -19.79
CA VAL C 212 19.24 4.58 -18.48
C VAL C 212 18.24 5.70 -18.70
N GLU C 213 17.35 5.89 -17.73
CA GLU C 213 16.36 6.95 -17.76
C GLU C 213 16.57 7.86 -16.56
N ILE C 214 16.74 9.15 -16.82
CA ILE C 214 17.05 10.14 -15.79
C ILE C 214 15.83 11.01 -15.58
N VAL C 215 15.39 11.10 -14.33
CA VAL C 215 14.24 11.91 -13.95
C VAL C 215 14.71 12.88 -12.87
N ALA C 216 14.61 14.18 -13.15
CA ALA C 216 15.00 15.20 -12.20
C ALA C 216 13.85 15.51 -11.25
N GLY C 217 14.20 15.85 -10.02
CA GLY C 217 13.20 16.13 -9.01
C GLY C 217 13.67 17.22 -8.07
N CYS C 218 12.71 17.94 -7.50
CA CYS C 218 12.97 19.00 -6.54
C CYS C 218 11.90 18.94 -5.45
N ASN C 219 12.30 19.32 -4.23
CA ASN C 219 11.37 19.35 -3.09
C ASN C 219 11.53 20.72 -2.41
N ARG C 220 10.89 21.74 -2.97
CA ARG C 220 10.79 23.06 -2.35
C ARG C 220 9.30 23.47 -2.37
N ASP C 221 8.51 22.76 -1.56
CA ASP C 221 7.07 22.99 -1.45
C ASP C 221 6.50 22.09 -0.36
N GLY C 222 5.21 22.20 -0.07
CA GLY C 222 4.57 21.18 0.74
C GLY C 222 4.61 19.81 0.09
N GLU C 223 4.83 19.77 -1.22
CA GLU C 223 4.95 18.53 -1.99
C GLU C 223 6.25 18.58 -2.79
N HIS C 224 6.55 17.47 -3.47
CA HIS C 224 7.71 17.38 -4.33
C HIS C 224 7.28 16.99 -5.74
N THR C 225 8.10 17.38 -6.72
CA THR C 225 7.72 17.23 -8.12
C THR C 225 8.90 16.69 -8.92
N THR C 226 8.59 15.92 -9.96
CA THR C 226 9.56 15.41 -10.92
C THR C 226 9.23 15.99 -12.29
N THR C 227 10.00 15.58 -13.29
CA THR C 227 9.86 16.11 -14.65
C THR C 227 8.91 15.25 -15.47
N ASP C 228 8.18 15.92 -16.37
CA ASP C 228 7.25 15.20 -17.25
C ASP C 228 7.99 14.18 -18.10
N VAL C 229 9.23 14.48 -18.49
CA VAL C 229 10.02 13.59 -19.33
C VAL C 229 11.38 13.37 -18.67
N GLY C 230 12.29 12.71 -19.38
CA GLY C 230 13.61 12.44 -18.83
C GLY C 230 14.65 12.26 -19.90
N LEU C 231 15.90 12.51 -19.51
CA LEU C 231 17.06 12.33 -20.37
C LEU C 231 17.46 10.85 -20.40
N SER C 232 18.10 10.44 -21.49
CA SER C 232 18.50 9.05 -21.65
C SER C 232 19.75 8.95 -22.50
N ILE C 233 20.70 8.13 -22.06
CA ILE C 233 21.90 7.81 -22.83
C ILE C 233 21.95 6.30 -23.04
N VAL C 234 22.45 5.90 -24.19
CA VAL C 234 22.50 4.49 -24.58
C VAL C 234 23.91 4.17 -25.06
N ASP C 235 24.52 3.15 -24.45
CA ASP C 235 25.82 2.63 -24.90
C ASP C 235 25.55 1.35 -25.66
N THR C 236 25.46 1.46 -26.99
CA THR C 236 25.26 0.32 -27.86
C THR C 236 26.59 -0.10 -28.47
N THR C 237 26.54 -0.98 -29.47
CA THR C 237 27.76 -1.41 -30.13
C THR C 237 28.37 -0.29 -30.97
N ALA C 238 27.54 0.49 -31.65
CA ALA C 238 28.06 1.57 -32.48
C ALA C 238 28.65 2.69 -31.64
N GLY C 239 28.20 2.85 -30.39
CA GLY C 239 28.74 3.85 -29.50
C GLY C 239 27.70 4.56 -28.67
N ARG C 240 28.13 5.47 -27.80
CA ARG C 240 27.21 6.16 -26.90
C ARG C 240 26.33 7.12 -27.70
N VAL C 241 25.06 7.22 -27.28
CA VAL C 241 24.05 8.01 -27.98
C VAL C 241 23.31 8.85 -26.97
N LEU C 242 23.31 10.17 -27.17
CA LEU C 242 22.55 11.08 -26.32
C LEU C 242 21.16 11.26 -26.89
N VAL C 243 20.17 11.37 -26.00
CA VAL C 243 18.77 11.49 -26.39
C VAL C 243 18.16 12.59 -25.51
N SER C 244 18.26 13.85 -25.95
CA SER C 244 17.88 14.98 -25.12
C SER C 244 16.54 15.52 -25.58
N PRO C 245 15.51 15.56 -24.72
CA PRO C 245 14.23 16.14 -25.13
C PRO C 245 14.25 17.67 -25.04
N SER C 246 13.15 18.26 -25.50
CA SER C 246 12.96 19.71 -25.45
C SER C 246 11.49 20.03 -25.67
N ARG C 247 10.99 21.02 -24.94
CA ARG C 247 9.59 21.41 -25.05
C ARG C 247 9.34 22.16 -26.36
N ALA C 248 8.16 21.97 -26.91
CA ALA C 248 7.74 22.63 -28.13
C ALA C 248 6.76 23.76 -27.80
N PHE C 249 6.19 24.38 -28.84
CA PHE C 249 5.28 25.48 -28.62
C PHE C 249 3.89 25.00 -28.18
N ASP C 250 3.45 23.84 -28.67
CA ASP C 250 2.13 23.31 -28.35
C ASP C 250 2.14 22.41 -27.12
N GLY C 251 3.15 22.55 -26.25
CA GLY C 251 3.23 21.74 -25.05
C GLY C 251 3.73 20.33 -25.28
N GLU C 252 4.03 19.96 -26.52
CA GLU C 252 4.50 18.62 -26.83
C GLU C 252 6.03 18.53 -26.64
N TRP C 253 6.53 17.31 -26.71
CA TRP C 253 7.94 17.02 -26.46
C TRP C 253 8.58 16.43 -27.70
N VAL C 254 9.73 16.97 -28.08
CA VAL C 254 10.53 16.46 -29.19
C VAL C 254 11.93 16.19 -28.67
N SER C 255 12.56 15.13 -29.16
CA SER C 255 13.85 14.69 -28.65
C SER C 255 14.85 14.57 -29.79
N THR C 256 16.05 15.10 -29.55
CA THR C 256 17.15 15.01 -30.49
C THR C 256 17.96 13.75 -30.22
N PHE C 257 18.45 13.13 -31.30
CA PHE C 257 19.33 11.97 -31.20
C PHE C 257 20.71 12.42 -31.69
N SER C 258 21.60 12.74 -30.76
CA SER C 258 22.92 13.27 -31.08
C SER C 258 23.99 12.29 -30.58
N ALA C 259 25.24 12.71 -30.68
CA ALA C 259 26.36 11.90 -30.22
C ALA C 259 26.49 11.97 -28.71
N GLY C 260 27.06 10.92 -28.13
CA GLY C 260 27.19 10.81 -26.69
C GLY C 260 28.34 11.61 -26.12
N THR C 261 28.40 12.88 -26.48
CA THR C 261 29.48 13.75 -26.00
C THR C 261 29.40 13.90 -24.49
N PRO C 262 30.46 13.55 -23.73
CA PRO C 262 30.41 13.75 -22.28
C PRO C 262 30.18 15.20 -21.86
N PHE C 263 30.28 16.15 -22.79
CA PHE C 263 30.03 17.55 -22.48
C PHE C 263 28.72 18.07 -23.06
N ALA C 264 28.16 17.41 -24.08
CA ALA C 264 26.83 17.76 -24.56
C ALA C 264 25.72 17.18 -23.68
N THR C 265 26.07 16.19 -22.83
CA THR C 265 25.11 15.66 -21.88
C THR C 265 24.98 16.58 -20.67
N ALA C 266 26.10 17.16 -20.22
CA ALA C 266 26.06 18.05 -19.06
C ALA C 266 25.12 19.23 -19.29
N VAL C 267 24.97 19.68 -20.54
CA VAL C 267 24.00 20.72 -20.86
C VAL C 267 22.62 20.13 -21.12
N ALA C 268 22.55 18.90 -21.65
CA ALA C 268 21.27 18.27 -21.92
C ALA C 268 20.49 17.96 -20.66
N ILE C 269 21.14 17.96 -19.49
CA ILE C 269 20.46 17.63 -18.24
C ILE C 269 19.96 18.88 -17.53
N ASP C 270 20.79 19.92 -17.43
CA ASP C 270 20.30 21.18 -16.87
C ASP C 270 19.08 21.68 -17.63
N GLN C 271 18.98 21.34 -18.92
CA GLN C 271 17.73 21.56 -19.64
C GLN C 271 16.57 20.90 -18.90
N LEU C 272 16.70 19.61 -18.60
CA LEU C 272 15.65 18.88 -17.89
C LEU C 272 15.39 19.50 -16.52
N ILE C 273 16.44 19.93 -15.82
CA ILE C 273 16.26 20.54 -14.52
C ILE C 273 15.54 21.88 -14.65
N ALA C 274 15.71 22.57 -15.79
CA ALA C 274 15.03 23.86 -15.98
C ALA C 274 13.52 23.68 -16.00
N ASN C 275 13.03 22.52 -16.42
CA ASN C 275 11.59 22.25 -16.40
C ASN C 275 11.01 22.36 -15.00
N LEU C 276 11.84 22.25 -13.96
CA LEU C 276 11.37 22.28 -12.59
C LEU C 276 11.30 23.71 -12.07
N PRO C 277 10.35 24.00 -11.18
CA PRO C 277 10.18 25.39 -10.73
C PRO C 277 11.38 25.95 -9.99
N ASP C 278 12.30 25.10 -9.52
CA ASP C 278 13.53 25.56 -8.91
C ASP C 278 14.63 25.83 -9.92
N GLY C 279 14.34 25.72 -11.21
CA GLY C 279 15.31 26.03 -12.24
C GLY C 279 16.53 25.13 -12.23
N GLN C 280 17.43 25.33 -13.17
CA GLN C 280 18.64 24.52 -13.24
C GLN C 280 19.48 24.73 -11.99
N TRP C 281 20.49 23.88 -11.83
CA TRP C 281 21.32 23.92 -10.61
C TRP C 281 22.37 25.03 -10.68
N PHE C 282 23.02 25.20 -11.83
CA PHE C 282 24.10 26.17 -11.92
C PHE C 282 24.47 26.45 -13.36
N PRO C 283 24.82 27.71 -13.70
CA PRO C 283 25.19 28.07 -15.08
C PRO C 283 26.58 27.57 -15.46
#